data_1YMQ
#
_entry.id   1YMQ
#
_cell.length_a   49.353
_cell.length_b   55.741
_cell.length_c   94.801
_cell.angle_alpha   90.00
_cell.angle_beta   90.00
_cell.angle_gamma   90.00
#
_symmetry.space_group_name_H-M   'P 21 21 21'
#
loop_
_entity.id
_entity.type
_entity.pdbx_description
1 polymer 'sugar-phosphate phosphatase BT4131'
2 non-polymer 'MAGNESIUM ION'
3 non-polymer 'SULFATE ION'
4 water water
#
_entity_poly.entity_id   1
_entity_poly.type   'polypeptide(L)'
_entity_poly.pdbx_seq_one_letter_code
;MTKALFFDIDGTLVSFETHRIPSSTIEALEAAHAKGLKIFIATGRPKAIINNLSELQDRNLIDGYITMNGAYCFVGEEVI
YKSAIPQEEVKAMAAFCEKKGVPCIFVEEHNISVCQPNEMVKKIFYDFLHVNVIPTVSFEEASNKEVIQMTPFITEEEEK
EVLPSIPTCEIGRWYPAFADVTAKGDTKQKGIDEIIRHFGIKLEETMSFGDGGNDISMLRHAAIGVAMGQAKEDVKAAAD
YVTAPIDEDGISKAMKHFGII
;
_entity_poly.pdbx_strand_id   A
#
# COMPACT_ATOMS: atom_id res chain seq x y z
N THR A 2 -19.17 12.81 0.43
CA THR A 2 -17.85 12.17 0.15
C THR A 2 -17.46 12.56 -1.26
N LYS A 3 -16.22 13.00 -1.45
CA LYS A 3 -15.70 13.40 -2.77
C LYS A 3 -14.48 12.61 -3.23
N ALA A 4 -13.77 12.00 -2.29
CA ALA A 4 -12.58 11.24 -2.64
C ALA A 4 -12.60 9.87 -1.94
N LEU A 5 -12.31 8.82 -2.71
CA LEU A 5 -12.30 7.47 -2.24
C LEU A 5 -10.87 6.97 -2.32
N PHE A 6 -10.42 6.28 -1.28
CA PHE A 6 -9.05 5.77 -1.30
C PHE A 6 -9.12 4.26 -1.08
N PHE A 7 -8.59 3.52 -2.05
CA PHE A 7 -8.62 2.06 -1.99
C PHE A 7 -7.26 1.42 -1.93
N ASP A 8 -7.11 0.55 -0.96
CA ASP A 8 -5.91 -0.30 -0.89
C ASP A 8 -6.13 -1.31 -2.05
N ILE A 9 -5.07 -1.93 -2.53
CA ILE A 9 -5.26 -2.88 -3.64
C ILE A 9 -5.52 -4.31 -3.17
N ASP A 10 -4.48 -4.94 -2.64
CA ASP A 10 -4.53 -6.35 -2.26
C ASP A 10 -5.42 -6.68 -1.07
N GLY A 11 -6.49 -7.44 -1.33
CA GLY A 11 -7.42 -7.77 -0.27
C GLY A 11 -8.56 -6.72 -0.16
N THR A 12 -8.50 -5.64 -0.96
CA THR A 12 -9.55 -4.61 -0.88
C THR A 12 -10.22 -4.47 -2.26
N LEU A 13 -9.41 -4.23 -3.30
CA LEU A 13 -9.90 -4.23 -4.68
C LEU A 13 -9.71 -5.63 -5.30
N VAL A 14 -8.49 -6.18 -5.13
CA VAL A 14 -8.13 -7.46 -5.77
C VAL A 14 -8.13 -8.57 -4.75
N SER A 15 -8.81 -9.68 -5.05
CA SER A 15 -8.94 -10.81 -4.14
C SER A 15 -7.64 -11.59 -4.13
N PHE A 16 -7.20 -11.99 -2.94
CA PHE A 16 -6.00 -12.80 -2.77
C PHE A 16 -6.41 -14.20 -3.26
N GLU A 17 -7.69 -14.54 -3.10
CA GLU A 17 -8.14 -15.85 -3.50
C GLU A 17 -8.22 -16.04 -5.01
N THR A 18 -8.77 -15.06 -5.73
CA THR A 18 -8.93 -15.21 -7.19
C THR A 18 -7.97 -14.40 -8.00
N HIS A 19 -7.32 -13.45 -7.34
CA HIS A 19 -6.39 -12.56 -8.01
C HIS A 19 -7.12 -11.64 -8.99
N ARG A 20 -8.41 -11.42 -8.77
CA ARG A 20 -9.20 -10.55 -9.67
C ARG A 20 -10.00 -9.52 -8.89
N ILE A 21 -10.44 -8.48 -9.56
CA ILE A 21 -11.27 -7.48 -8.88
C ILE A 21 -12.70 -7.97 -9.13
N PRO A 22 -13.53 -8.11 -8.09
CA PRO A 22 -14.91 -8.55 -8.30
C PRO A 22 -15.64 -7.65 -9.30
N SER A 23 -16.56 -8.21 -10.09
CA SER A 23 -17.33 -7.41 -11.04
C SER A 23 -18.14 -6.31 -10.36
N SER A 24 -18.69 -6.60 -9.17
CA SER A 24 -19.49 -5.57 -8.49
C SER A 24 -18.59 -4.41 -8.06
N THR A 25 -17.30 -4.68 -7.89
CA THR A 25 -16.43 -3.58 -7.47
C THR A 25 -16.20 -2.67 -8.67
N ILE A 26 -15.93 -3.27 -9.82
CA ILE A 26 -15.77 -2.48 -11.04
C ILE A 26 -17.04 -1.65 -11.29
N GLU A 27 -18.21 -2.26 -11.13
CA GLU A 27 -19.48 -1.56 -11.37
C GLU A 27 -19.69 -0.42 -10.39
N ALA A 28 -19.35 -0.65 -9.13
CA ALA A 28 -19.48 0.39 -8.12
C ALA A 28 -18.56 1.60 -8.39
N LEU A 29 -17.31 1.33 -8.79
CA LEU A 29 -16.37 2.40 -9.11
C LEU A 29 -16.82 3.17 -10.39
N GLU A 30 -17.38 2.46 -11.36
CA GLU A 30 -17.89 3.13 -12.57
C GLU A 30 -19.06 4.07 -12.14
N ALA A 31 -19.93 3.59 -11.26
CA ALA A 31 -21.02 4.44 -10.81
C ALA A 31 -20.48 5.65 -10.02
N ALA A 32 -19.50 5.43 -9.13
CA ALA A 32 -19.01 6.55 -8.34
C ALA A 32 -18.30 7.55 -9.25
N HIS A 33 -17.51 7.01 -10.18
CA HIS A 33 -16.81 7.88 -11.14
C HIS A 33 -17.79 8.83 -11.89
N ALA A 34 -18.90 8.26 -12.42
CA ALA A 34 -19.86 9.06 -13.15
C ALA A 34 -20.49 10.14 -12.30
N LYS A 35 -20.58 9.91 -11.00
CA LYS A 35 -21.16 10.90 -10.05
C LYS A 35 -20.14 11.93 -9.64
N GLY A 36 -18.92 11.81 -10.15
CA GLY A 36 -17.98 12.83 -9.77
C GLY A 36 -17.03 12.53 -8.63
N LEU A 37 -17.10 11.33 -8.04
CA LEU A 37 -16.15 11.01 -6.95
C LEU A 37 -14.78 10.74 -7.55
N LYS A 38 -13.73 11.20 -6.85
CA LYS A 38 -12.38 10.94 -7.32
C LYS A 38 -11.97 9.62 -6.65
N ILE A 39 -11.29 8.80 -7.42
CA ILE A 39 -10.92 7.45 -7.00
C ILE A 39 -9.43 7.36 -6.96
N PHE A 40 -8.90 7.02 -5.77
CA PHE A 40 -7.44 6.94 -5.63
C PHE A 40 -6.97 5.60 -5.13
N ILE A 41 -5.82 5.17 -5.62
CA ILE A 41 -5.23 3.91 -5.12
C ILE A 41 -4.31 4.30 -3.95
N ALA A 42 -4.26 3.48 -2.88
CA ALA A 42 -3.40 3.77 -1.73
C ALA A 42 -2.84 2.39 -1.38
N THR A 43 -1.64 2.13 -1.89
CA THR A 43 -1.00 0.84 -1.77
C THR A 43 0.43 0.87 -1.21
N GLY A 44 0.83 -0.26 -0.60
CA GLY A 44 2.20 -0.37 -0.10
C GLY A 44 3.05 -0.78 -1.29
N ARG A 45 2.42 -1.23 -2.38
CA ARG A 45 3.23 -1.59 -3.55
C ARG A 45 3.90 -0.40 -4.26
N PRO A 46 5.12 -0.60 -4.77
CA PRO A 46 5.83 0.45 -5.51
C PRO A 46 5.10 0.44 -6.87
N LYS A 47 5.02 1.60 -7.52
CA LYS A 47 4.41 1.69 -8.83
C LYS A 47 4.93 0.60 -9.77
N ALA A 48 6.23 0.32 -9.70
CA ALA A 48 6.83 -0.66 -10.59
C ALA A 48 6.18 -2.04 -10.57
N ILE A 49 5.60 -2.43 -9.44
CA ILE A 49 4.96 -3.74 -9.41
C ILE A 49 3.41 -3.72 -9.35
N ILE A 50 2.79 -2.58 -9.63
CA ILE A 50 1.32 -2.53 -9.68
C ILE A 50 0.95 -3.11 -11.04
N ASN A 51 0.72 -4.41 -11.03
CA ASN A 51 0.43 -5.15 -12.26
C ASN A 51 -0.95 -5.80 -12.26
N ASN A 52 -1.79 -5.47 -11.29
CA ASN A 52 -3.08 -6.11 -11.22
C ASN A 52 -4.27 -5.19 -11.30
N LEU A 53 -4.06 -3.98 -11.80
CA LEU A 53 -5.15 -3.00 -11.90
C LEU A 53 -5.56 -2.66 -13.34
N SER A 54 -5.10 -3.45 -14.32
CA SER A 54 -5.40 -3.08 -15.72
C SER A 54 -6.88 -2.85 -16.01
N GLU A 55 -7.75 -3.54 -15.30
CA GLU A 55 -9.17 -3.31 -15.56
C GLU A 55 -9.59 -1.90 -15.15
N LEU A 56 -9.15 -1.41 -14.00
CA LEU A 56 -9.50 -0.03 -13.62
C LEU A 56 -8.75 0.93 -14.51
N GLN A 57 -7.47 0.63 -14.76
CA GLN A 57 -6.65 1.50 -15.59
C GLN A 57 -7.19 1.62 -17.03
N ASP A 58 -7.53 0.49 -17.65
CA ASP A 58 -8.07 0.53 -19.00
C ASP A 58 -9.37 1.28 -19.05
N ARG A 59 -10.05 1.41 -17.91
CA ARG A 59 -11.31 2.15 -17.90
C ARG A 59 -11.06 3.56 -17.48
N ASN A 60 -9.77 3.86 -17.27
CA ASN A 60 -9.36 5.18 -16.82
C ASN A 60 -10.18 5.64 -15.60
N LEU A 61 -10.38 4.73 -14.65
CA LEU A 61 -11.16 5.06 -13.44
C LEU A 61 -10.34 5.65 -12.26
N ILE A 62 -9.02 5.60 -12.37
CA ILE A 62 -8.15 6.08 -11.30
C ILE A 62 -7.66 7.48 -11.52
N ASP A 63 -7.99 8.34 -10.57
CA ASP A 63 -7.58 9.73 -10.61
C ASP A 63 -6.21 10.06 -10.01
N GLY A 64 -5.62 9.13 -9.26
CA GLY A 64 -4.31 9.43 -8.66
C GLY A 64 -3.85 8.22 -7.89
N TYR A 65 -2.55 8.17 -7.59
CA TYR A 65 -1.94 7.04 -6.92
C TYR A 65 -1.12 7.41 -5.70
N ILE A 66 -1.37 6.66 -4.63
CA ILE A 66 -0.56 6.79 -3.42
C ILE A 66 0.15 5.42 -3.43
N THR A 67 1.48 5.43 -3.58
CA THR A 67 2.23 4.17 -3.60
C THR A 67 3.32 4.17 -2.52
N MET A 68 3.88 2.99 -2.27
CA MET A 68 4.87 2.85 -1.20
C MET A 68 4.38 3.46 0.11
N ASN A 69 3.13 3.10 0.47
CA ASN A 69 2.56 3.54 1.71
C ASN A 69 2.57 5.03 1.94
N GLY A 70 2.47 5.81 0.86
CA GLY A 70 2.45 7.26 0.95
C GLY A 70 3.78 7.93 0.65
N ALA A 71 4.86 7.17 0.50
CA ALA A 71 6.17 7.81 0.25
C ALA A 71 6.37 8.19 -1.23
N TYR A 72 5.41 7.82 -2.08
CA TYR A 72 5.53 8.16 -3.50
C TYR A 72 4.14 8.31 -4.10
N CYS A 73 3.75 9.57 -4.30
CA CYS A 73 2.42 9.90 -4.77
C CYS A 73 2.42 10.66 -6.08
N PHE A 74 1.49 10.33 -6.95
CA PHE A 74 1.46 11.03 -8.23
C PHE A 74 0.07 11.08 -8.81
N VAL A 75 -0.17 12.09 -9.65
CA VAL A 75 -1.48 12.27 -10.30
C VAL A 75 -1.12 12.41 -11.80
N GLY A 76 -1.60 11.49 -12.62
CA GLY A 76 -1.18 11.51 -14.00
C GLY A 76 0.34 11.32 -14.05
N GLU A 77 1.03 12.21 -14.76
CA GLU A 77 2.47 12.15 -14.85
C GLU A 77 3.19 13.01 -13.82
N GLU A 78 2.43 13.76 -13.05
CA GLU A 78 3.05 14.63 -12.07
C GLU A 78 3.27 13.96 -10.70
N VAL A 79 4.53 13.90 -10.27
CA VAL A 79 4.84 13.38 -8.94
C VAL A 79 4.51 14.55 -7.98
N ILE A 80 3.58 14.34 -7.06
CA ILE A 80 3.23 15.40 -6.15
C ILE A 80 3.93 15.26 -4.80
N TYR A 81 4.47 14.08 -4.52
CA TYR A 81 5.16 13.88 -3.25
C TYR A 81 6.01 12.64 -3.29
N LYS A 82 7.25 12.73 -2.84
CA LYS A 82 8.14 11.54 -2.76
C LYS A 82 9.18 11.76 -1.67
N SER A 83 9.44 10.76 -0.80
CA SER A 83 10.41 10.94 0.24
C SER A 83 11.45 9.85 0.18
N ALA A 84 12.42 9.95 1.06
CA ALA A 84 13.48 8.97 1.13
C ALA A 84 13.76 8.73 2.57
N ILE A 85 14.17 7.51 2.87
CA ILE A 85 14.51 7.07 4.19
C ILE A 85 15.89 7.56 4.61
N PRO A 86 16.05 7.97 5.87
CA PRO A 86 17.37 8.43 6.32
C PRO A 86 18.43 7.38 5.98
N GLN A 87 19.49 7.80 5.31
CA GLN A 87 20.50 6.82 4.88
C GLN A 87 21.01 5.93 5.99
N GLU A 88 21.16 6.46 7.19
CA GLU A 88 21.69 5.66 8.28
C GLU A 88 20.76 4.53 8.66
N GLU A 89 19.47 4.78 8.44
CA GLU A 89 18.47 3.77 8.79
C GLU A 89 18.40 2.76 7.66
N VAL A 90 18.64 3.22 6.45
CA VAL A 90 18.69 2.29 5.33
C VAL A 90 19.89 1.33 5.60
N LYS A 91 21.05 1.89 5.96
CA LYS A 91 22.27 1.10 6.27
C LYS A 91 22.04 0.12 7.42
N ALA A 92 21.37 0.61 8.48
CA ALA A 92 21.06 -0.23 9.64
C ALA A 92 20.17 -1.43 9.28
N MET A 93 19.13 -1.19 8.47
CA MET A 93 18.26 -2.30 8.10
C MET A 93 19.02 -3.31 7.23
N ALA A 94 19.90 -2.79 6.35
CA ALA A 94 20.67 -3.64 5.46
C ALA A 94 21.60 -4.57 6.26
N ALA A 95 22.24 -3.96 7.25
CA ALA A 95 23.17 -4.62 8.15
C ALA A 95 22.42 -5.70 8.92
N PHE A 96 21.23 -5.36 9.41
CA PHE A 96 20.37 -6.30 10.14
C PHE A 96 19.96 -7.50 9.28
N CYS A 97 19.42 -7.23 8.09
CA CYS A 97 18.99 -8.31 7.21
C CYS A 97 20.21 -9.18 6.84
N GLU A 98 21.36 -8.53 6.66
CA GLU A 98 22.59 -9.22 6.30
C GLU A 98 22.96 -10.19 7.44
N LYS A 99 23.09 -9.67 8.66
CA LYS A 99 23.39 -10.50 9.83
C LYS A 99 22.41 -11.66 10.00
N LYS A 100 21.12 -11.36 9.86
CA LYS A 100 20.05 -12.34 10.02
C LYS A 100 19.92 -13.35 8.88
N GLY A 101 20.51 -13.04 7.74
CA GLY A 101 20.38 -13.91 6.60
C GLY A 101 18.99 -13.89 6.01
N VAL A 102 18.33 -12.72 6.00
CA VAL A 102 17.00 -12.57 5.42
C VAL A 102 16.99 -11.62 4.21
N PRO A 103 16.05 -11.84 3.28
CA PRO A 103 15.95 -10.99 2.09
C PRO A 103 15.46 -9.61 2.45
N CYS A 104 15.70 -8.68 1.54
CA CYS A 104 15.16 -7.33 1.71
C CYS A 104 15.13 -6.63 0.36
N ILE A 105 13.96 -6.05 0.02
CA ILE A 105 13.80 -5.31 -1.20
C ILE A 105 14.08 -3.82 -0.89
N PHE A 106 14.76 -3.17 -1.81
CA PHE A 106 15.07 -1.74 -1.68
C PHE A 106 14.48 -1.09 -2.91
N VAL A 107 13.54 -0.18 -2.69
CA VAL A 107 12.90 0.48 -3.81
C VAL A 107 13.35 1.95 -3.94
N GLU A 108 13.78 2.32 -5.15
CA GLU A 108 14.19 3.67 -5.47
C GLU A 108 13.10 4.23 -6.37
N GLU A 109 13.21 5.49 -6.74
CA GLU A 109 12.21 6.09 -7.61
C GLU A 109 12.14 5.40 -8.97
N HIS A 110 13.30 5.00 -9.48
CA HIS A 110 13.38 4.37 -10.81
C HIS A 110 14.11 3.04 -10.80
N ASN A 111 14.13 2.36 -9.67
CA ASN A 111 14.81 1.09 -9.62
C ASN A 111 14.31 0.33 -8.46
N ILE A 112 14.33 -0.99 -8.58
CA ILE A 112 13.91 -1.83 -7.49
C ILE A 112 14.89 -3.00 -7.57
N SER A 113 15.39 -3.38 -6.40
CA SER A 113 16.37 -4.43 -6.24
C SER A 113 16.02 -5.26 -5.04
N VAL A 114 16.59 -6.45 -4.98
CA VAL A 114 16.41 -7.35 -3.87
C VAL A 114 17.76 -7.89 -3.45
N CYS A 115 17.94 -7.93 -2.14
CA CYS A 115 19.17 -8.42 -1.53
C CYS A 115 18.88 -9.76 -0.89
N GLN A 116 19.70 -10.76 -1.22
CA GLN A 116 19.58 -12.14 -0.70
C GLN A 116 18.19 -12.74 -0.88
N PRO A 117 17.70 -12.76 -2.10
CA PRO A 117 16.36 -13.33 -2.35
C PRO A 117 16.37 -14.83 -2.00
N ASN A 118 15.24 -15.33 -1.53
CA ASN A 118 15.15 -16.74 -1.14
C ASN A 118 13.84 -17.27 -1.68
N GLU A 119 13.45 -18.47 -1.25
CA GLU A 119 12.19 -19.05 -1.75
C GLU A 119 10.93 -18.28 -1.42
N MET A 120 10.94 -17.61 -0.27
CA MET A 120 9.81 -16.81 0.16
C MET A 120 9.55 -15.68 -0.86
N VAL A 121 10.64 -15.13 -1.39
CA VAL A 121 10.57 -14.07 -2.38
C VAL A 121 10.02 -14.57 -3.72
N LYS A 122 10.59 -15.66 -4.24
CA LYS A 122 10.15 -16.22 -5.52
C LYS A 122 8.69 -16.71 -5.45
N LYS A 123 8.35 -17.36 -4.34
CA LYS A 123 7.01 -17.89 -4.16
C LYS A 123 5.98 -16.76 -4.09
N ILE A 124 6.14 -15.89 -3.10
CA ILE A 124 5.23 -14.79 -2.91
C ILE A 124 5.13 -13.83 -4.08
N PHE A 125 6.24 -13.22 -4.48
CA PHE A 125 6.17 -12.26 -5.55
C PHE A 125 6.03 -12.78 -6.97
N TYR A 126 6.61 -13.92 -7.28
CA TYR A 126 6.54 -14.42 -8.65
C TYR A 126 5.43 -15.44 -8.87
N ASP A 127 5.54 -16.58 -8.20
CA ASP A 127 4.55 -17.65 -8.35
C ASP A 127 3.14 -17.19 -7.95
N PHE A 128 3.06 -16.37 -6.92
CA PHE A 128 1.76 -15.91 -6.42
C PHE A 128 1.23 -14.61 -7.04
N LEU A 129 2.04 -13.56 -7.01
CA LEU A 129 1.63 -12.24 -7.53
C LEU A 129 2.08 -11.94 -8.96
N HIS A 130 2.75 -12.90 -9.60
CA HIS A 130 3.20 -12.74 -10.98
C HIS A 130 3.95 -11.47 -11.22
N VAL A 131 4.68 -11.04 -10.20
CA VAL A 131 5.48 -9.85 -10.31
C VAL A 131 6.73 -10.17 -11.12
N ASN A 132 7.18 -9.19 -11.89
CA ASN A 132 8.42 -9.32 -12.69
C ASN A 132 9.63 -9.64 -11.79
N VAL A 133 10.55 -10.47 -12.28
CA VAL A 133 11.75 -10.81 -11.53
C VAL A 133 12.47 -9.51 -11.14
N ILE A 134 12.75 -9.37 -9.86
CA ILE A 134 13.44 -8.19 -9.35
C ILE A 134 14.93 -8.48 -9.39
N PRO A 135 15.72 -7.62 -10.01
CA PRO A 135 17.18 -7.81 -10.09
C PRO A 135 17.84 -7.92 -8.68
N THR A 136 18.82 -8.82 -8.56
CA THR A 136 19.55 -9.04 -7.31
C THR A 136 20.78 -8.13 -7.22
N VAL A 137 21.06 -7.60 -6.03
CA VAL A 137 22.23 -6.76 -5.81
C VAL A 137 22.70 -6.98 -4.38
N SER A 138 23.93 -6.55 -4.07
CA SER A 138 24.42 -6.72 -2.71
C SER A 138 23.80 -5.70 -1.74
N PHE A 139 23.81 -6.04 -0.46
CA PHE A 139 23.30 -5.13 0.56
C PHE A 139 24.12 -3.82 0.48
N GLU A 140 25.43 -3.93 0.29
CA GLU A 140 26.25 -2.74 0.20
C GLU A 140 25.80 -1.78 -0.89
N GLU A 141 25.60 -2.31 -2.10
CA GLU A 141 25.17 -1.46 -3.21
C GLU A 141 23.77 -0.88 -3.05
N ALA A 142 22.82 -1.71 -2.62
CA ALA A 142 21.44 -1.25 -2.50
C ALA A 142 21.31 -0.15 -1.46
N SER A 143 22.04 -0.26 -0.36
CA SER A 143 21.98 0.72 0.70
C SER A 143 22.82 2.01 0.47
N ASN A 144 23.40 2.16 -0.72
CA ASN A 144 24.14 3.36 -1.05
C ASN A 144 23.28 4.28 -1.91
N LYS A 145 22.07 3.83 -2.25
CA LYS A 145 21.17 4.65 -3.06
C LYS A 145 20.09 5.29 -2.20
N GLU A 146 19.47 6.31 -2.74
CA GLU A 146 18.37 7.00 -2.07
C GLU A 146 17.16 6.03 -2.14
N VAL A 147 16.79 5.49 -1.00
CA VAL A 147 15.72 4.51 -0.93
C VAL A 147 14.40 5.10 -0.39
N ILE A 148 13.35 4.91 -1.17
CA ILE A 148 12.04 5.41 -0.80
C ILE A 148 11.33 4.44 0.14
N GLN A 149 11.46 3.13 -0.14
CA GLN A 149 10.87 2.16 0.72
C GLN A 149 11.74 0.86 0.73
N MET A 150 11.84 0.24 1.90
CA MET A 150 12.54 -1.06 1.93
C MET A 150 11.57 -2.06 2.51
N THR A 151 11.63 -3.26 1.96
CA THR A 151 10.73 -4.32 2.40
C THR A 151 11.49 -5.56 2.86
N PRO A 152 11.87 -5.58 4.14
CA PRO A 152 12.60 -6.71 4.71
C PRO A 152 11.62 -7.87 4.93
N PHE A 153 12.10 -9.08 4.62
CA PHE A 153 11.28 -10.25 4.82
C PHE A 153 11.56 -10.75 6.22
N ILE A 154 11.10 -9.98 7.21
CA ILE A 154 11.28 -10.32 8.63
C ILE A 154 9.92 -10.59 9.30
N THR A 155 9.90 -11.44 10.33
CA THR A 155 8.69 -11.74 11.09
C THR A 155 8.46 -10.58 12.08
N GLU A 156 7.33 -10.56 12.76
CA GLU A 156 7.03 -9.51 13.74
C GLU A 156 8.01 -9.52 14.92
N GLU A 157 8.55 -10.70 15.22
CA GLU A 157 9.48 -10.82 16.33
C GLU A 157 10.84 -10.27 15.94
N GLU A 158 11.28 -10.60 14.73
CA GLU A 158 12.55 -10.12 14.20
C GLU A 158 12.44 -8.59 14.17
N GLU A 159 11.29 -8.12 13.69
CA GLU A 159 10.99 -6.70 13.60
C GLU A 159 11.37 -6.02 14.90
N LYS A 160 10.93 -6.59 16.02
CA LYS A 160 11.22 -6.01 17.32
C LYS A 160 12.72 -5.89 17.56
N GLU A 161 13.46 -6.75 16.89
CA GLU A 161 14.92 -6.71 17.02
C GLU A 161 15.55 -5.50 16.33
N VAL A 162 15.05 -5.14 15.15
CA VAL A 162 15.66 -4.03 14.41
C VAL A 162 15.06 -2.63 14.67
N LEU A 163 13.85 -2.60 15.23
CA LEU A 163 13.18 -1.33 15.53
C LEU A 163 14.13 -0.30 16.09
N PRO A 164 14.94 -0.70 17.07
CA PRO A 164 15.90 0.22 17.68
C PRO A 164 16.85 0.88 16.72
N SER A 165 17.21 0.20 15.64
CA SER A 165 18.12 0.80 14.66
C SER A 165 17.44 1.58 13.48
N ILE A 166 16.10 1.58 13.41
CA ILE A 166 15.37 2.35 12.39
C ILE A 166 14.37 3.15 13.25
N PRO A 167 14.89 3.90 14.21
CA PRO A 167 14.10 4.70 15.15
C PRO A 167 13.09 5.73 14.65
N THR A 168 13.24 6.25 13.43
CA THR A 168 12.29 7.24 12.97
C THR A 168 11.41 6.72 11.86
N CYS A 169 11.58 5.47 11.44
CA CYS A 169 10.80 4.94 10.34
C CYS A 169 9.39 4.47 10.70
N GLU A 170 8.51 4.44 9.67
CA GLU A 170 7.16 3.90 9.81
C GLU A 170 7.30 2.44 9.39
N ILE A 171 6.49 1.55 9.98
CA ILE A 171 6.55 0.13 9.56
C ILE A 171 5.14 -0.29 9.33
N GLY A 172 4.84 -0.85 8.16
CA GLY A 172 3.48 -1.23 7.88
C GLY A 172 3.52 -2.68 7.51
N ARG A 173 2.61 -3.43 8.12
CA ARG A 173 2.59 -4.86 7.92
C ARG A 173 1.19 -5.41 7.84
N TRP A 174 0.96 -6.20 6.82
CA TRP A 174 -0.33 -6.83 6.66
C TRP A 174 -0.08 -8.33 6.53
N TYR A 175 1.20 -8.69 6.38
CA TYR A 175 1.58 -10.10 6.26
C TYR A 175 2.58 -10.48 7.34
N PRO A 176 2.63 -11.77 7.71
CA PRO A 176 3.58 -12.13 8.78
C PRO A 176 5.06 -12.27 8.35
N ALA A 177 5.26 -12.42 7.04
CA ALA A 177 6.58 -12.66 6.45
C ALA A 177 7.38 -11.47 5.94
N PHE A 178 6.76 -10.30 5.83
CA PHE A 178 7.52 -9.14 5.41
C PHE A 178 6.77 -7.88 5.86
N ALA A 179 7.48 -6.75 5.90
CA ALA A 179 6.86 -5.45 6.27
C ALA A 179 7.45 -4.38 5.34
N ASP A 180 6.77 -3.24 5.22
CA ASP A 180 7.25 -2.15 4.39
C ASP A 180 7.72 -1.08 5.32
N VAL A 181 8.91 -0.55 5.05
CA VAL A 181 9.47 0.46 5.94
C VAL A 181 9.65 1.73 5.14
N THR A 182 9.22 2.85 5.75
CA THR A 182 9.29 4.16 5.09
C THR A 182 9.70 5.23 6.10
N ALA A 183 9.99 6.41 5.59
CA ALA A 183 10.42 7.51 6.45
C ALA A 183 9.33 8.03 7.38
N LYS A 184 9.78 8.72 8.42
CA LYS A 184 8.89 9.29 9.43
C LYS A 184 7.67 9.97 8.80
N GLY A 185 6.49 9.58 9.26
CA GLY A 185 5.26 10.19 8.77
C GLY A 185 4.72 9.66 7.46
N ASP A 186 5.50 8.85 6.73
CA ASP A 186 5.03 8.35 5.47
C ASP A 186 4.20 7.07 5.56
N THR A 187 2.90 7.26 5.68
CA THR A 187 1.93 6.17 5.75
C THR A 187 0.83 6.61 4.80
N LYS A 188 -0.13 5.72 4.55
CA LYS A 188 -1.23 6.10 3.63
C LYS A 188 -1.96 7.34 4.07
N GLN A 189 -2.00 7.61 5.36
CA GLN A 189 -2.66 8.83 5.86
C GLN A 189 -2.00 10.10 5.24
N LYS A 190 -0.67 10.10 5.16
CA LYS A 190 0.08 11.20 4.51
C LYS A 190 -0.31 11.28 3.03
N GLY A 191 -0.43 10.10 2.38
CA GLY A 191 -0.84 10.07 0.99
C GLY A 191 -2.21 10.73 0.79
N ILE A 192 -3.13 10.50 1.71
CA ILE A 192 -4.45 11.17 1.57
C ILE A 192 -4.31 12.70 1.58
N ASP A 193 -3.56 13.20 2.56
CA ASP A 193 -3.33 14.61 2.68
C ASP A 193 -2.70 15.19 1.42
N GLU A 194 -1.70 14.51 0.84
CA GLU A 194 -1.05 15.05 -0.37
C GLU A 194 -2.02 15.09 -1.54
N ILE A 195 -2.76 14.01 -1.71
CA ILE A 195 -3.71 13.95 -2.79
C ILE A 195 -4.81 15.00 -2.67
N ILE A 196 -5.46 15.08 -1.50
CA ILE A 196 -6.60 16.00 -1.46
C ILE A 196 -6.30 17.48 -1.63
N ARG A 197 -5.11 17.87 -1.23
CA ARG A 197 -4.63 19.27 -1.35
C ARG A 197 -4.68 19.67 -2.85
N HIS A 198 -4.29 18.75 -3.72
CA HIS A 198 -4.27 19.03 -5.16
C HIS A 198 -5.63 19.22 -5.79
N PHE A 199 -6.65 18.59 -5.20
CA PHE A 199 -7.98 18.70 -5.74
C PHE A 199 -8.88 19.66 -4.96
N GLY A 200 -8.36 20.32 -3.93
CA GLY A 200 -9.17 21.22 -3.10
C GLY A 200 -10.20 20.46 -2.29
N ILE A 201 -9.94 19.17 -2.05
CA ILE A 201 -10.90 18.34 -1.31
C ILE A 201 -10.54 18.37 0.17
N LYS A 202 -11.57 18.43 1.00
CA LYS A 202 -11.36 18.51 2.42
C LYS A 202 -11.29 17.13 3.04
N LEU A 203 -10.61 17.06 4.16
CA LEU A 203 -10.53 15.76 4.84
C LEU A 203 -11.90 15.22 5.22
N GLU A 204 -12.84 16.08 5.61
CA GLU A 204 -14.15 15.55 5.95
C GLU A 204 -14.91 14.98 4.75
N GLU A 205 -14.32 15.09 3.57
CA GLU A 205 -14.93 14.59 2.35
C GLU A 205 -14.25 13.32 1.82
N THR A 206 -13.46 12.66 2.64
CA THR A 206 -12.75 11.44 2.24
C THR A 206 -13.32 10.15 2.84
N MET A 207 -13.10 9.05 2.12
CA MET A 207 -13.49 7.71 2.58
C MET A 207 -12.38 6.76 2.16
N SER A 208 -11.95 5.90 3.09
CA SER A 208 -10.87 4.96 2.74
C SER A 208 -11.36 3.54 2.96
N PHE A 209 -10.71 2.60 2.25
CA PHE A 209 -11.10 1.21 2.31
C PHE A 209 -9.81 0.41 2.43
N GLY A 210 -9.80 -0.52 3.38
CA GLY A 210 -8.59 -1.34 3.58
C GLY A 210 -8.83 -2.64 4.31
N ASP A 211 -7.85 -3.56 4.22
CA ASP A 211 -7.96 -4.85 4.91
C ASP A 211 -6.72 -5.19 5.76
N GLY A 212 -5.68 -4.34 5.74
CA GLY A 212 -4.45 -4.68 6.41
C GLY A 212 -3.89 -3.70 7.41
N GLY A 213 -2.87 -4.16 8.15
CA GLY A 213 -2.28 -3.32 9.18
C GLY A 213 -1.76 -1.98 8.65
N ASN A 214 -1.20 -1.95 7.44
CA ASN A 214 -0.69 -0.71 6.87
C ASN A 214 -1.83 0.24 6.40
N ASP A 215 -3.08 -0.14 6.67
CA ASP A 215 -4.24 0.68 6.32
C ASP A 215 -4.82 1.34 7.55
N ILE A 216 -4.36 0.96 8.74
CA ILE A 216 -4.94 1.51 9.94
C ILE A 216 -4.86 3.03 10.00
N SER A 217 -3.71 3.63 9.64
CA SER A 217 -3.66 5.06 9.71
C SER A 217 -4.66 5.74 8.74
N MET A 218 -4.86 5.23 7.52
CA MET A 218 -5.80 5.94 6.65
C MET A 218 -7.24 5.62 6.99
N LEU A 219 -7.47 4.49 7.66
CA LEU A 219 -8.84 4.17 8.09
C LEU A 219 -9.24 5.18 9.20
N ARG A 220 -8.32 5.45 10.12
CA ARG A 220 -8.55 6.43 11.19
C ARG A 220 -8.61 7.87 10.67
N HIS A 221 -7.73 8.18 9.73
CA HIS A 221 -7.58 9.55 9.22
C HIS A 221 -8.68 10.01 8.31
N ALA A 222 -9.18 9.11 7.45
CA ALA A 222 -10.25 9.49 6.51
C ALA A 222 -11.52 9.81 7.29
N ALA A 223 -12.39 10.65 6.73
CA ALA A 223 -13.66 10.98 7.45
C ALA A 223 -14.46 9.73 7.73
N ILE A 224 -14.44 8.78 6.79
CA ILE A 224 -15.11 7.50 6.96
C ILE A 224 -14.12 6.39 6.51
N GLY A 225 -13.75 5.53 7.46
CA GLY A 225 -12.89 4.41 7.15
C GLY A 225 -13.70 3.10 7.11
N VAL A 226 -13.47 2.34 6.04
CA VAL A 226 -14.15 1.07 5.82
C VAL A 226 -13.14 -0.09 5.85
N ALA A 227 -13.36 -1.05 6.74
CA ALA A 227 -12.52 -2.24 6.79
C ALA A 227 -13.26 -3.37 6.07
N MET A 228 -12.51 -4.16 5.30
CA MET A 228 -13.03 -5.32 4.60
C MET A 228 -13.45 -6.38 5.63
N GLY A 229 -14.45 -7.18 5.30
CA GLY A 229 -15.01 -8.15 6.26
C GLY A 229 -14.04 -9.22 6.73
N GLN A 230 -13.01 -9.47 5.94
CA GLN A 230 -12.08 -10.50 6.34
C GLN A 230 -10.80 -9.92 6.99
N ALA A 231 -10.80 -8.62 7.28
CA ALA A 231 -9.60 -8.01 7.90
C ALA A 231 -9.52 -8.47 9.36
N LYS A 232 -8.30 -8.47 9.94
CA LYS A 232 -8.11 -8.80 11.35
C LYS A 232 -8.77 -7.72 12.18
N GLU A 233 -9.00 -8.03 13.45
CA GLU A 233 -9.71 -7.13 14.32
C GLU A 233 -9.09 -5.78 14.59
N ASP A 234 -7.76 -5.66 14.59
CA ASP A 234 -7.22 -4.35 14.87
C ASP A 234 -7.49 -3.42 13.67
N VAL A 235 -7.60 -4.00 12.48
CA VAL A 235 -7.91 -3.19 11.26
C VAL A 235 -9.39 -2.75 11.38
N LYS A 236 -10.27 -3.68 11.72
CA LYS A 236 -11.68 -3.38 11.90
C LYS A 236 -11.91 -2.32 13.01
N ALA A 237 -11.10 -2.37 14.06
CA ALA A 237 -11.24 -1.45 15.18
C ALA A 237 -10.85 -0.02 14.81
N ALA A 238 -10.00 0.11 13.81
CA ALA A 238 -9.56 1.44 13.33
C ALA A 238 -10.57 2.09 12.36
N ALA A 239 -11.54 1.29 11.94
CA ALA A 239 -12.56 1.73 10.98
C ALA A 239 -13.88 2.24 11.58
N ASP A 240 -14.59 3.07 10.82
CA ASP A 240 -15.92 3.56 11.22
C ASP A 240 -16.98 2.60 10.79
N TYR A 241 -16.64 1.69 9.88
CA TYR A 241 -17.62 0.74 9.35
C TYR A 241 -16.92 -0.54 8.82
N VAL A 242 -17.49 -1.71 9.11
CA VAL A 242 -16.92 -2.96 8.62
C VAL A 242 -17.89 -3.52 7.59
N THR A 243 -17.42 -3.67 6.35
CA THR A 243 -18.26 -4.20 5.28
C THR A 243 -18.03 -5.70 5.11
N ALA A 244 -18.69 -6.32 4.13
CA ALA A 244 -18.53 -7.74 3.93
C ALA A 244 -17.17 -8.08 3.38
N PRO A 245 -16.81 -9.38 3.39
CA PRO A 245 -15.56 -9.85 2.86
C PRO A 245 -15.49 -9.36 1.39
N ILE A 246 -14.27 -9.20 0.89
CA ILE A 246 -14.06 -8.75 -0.47
C ILE A 246 -14.81 -9.57 -1.54
N ASP A 247 -14.77 -10.89 -1.42
CA ASP A 247 -15.45 -11.72 -2.37
C ASP A 247 -16.94 -11.96 -2.09
N GLU A 248 -17.49 -11.12 -1.21
CA GLU A 248 -18.93 -11.09 -0.92
C GLU A 248 -19.42 -9.66 -1.18
N ASP A 249 -18.85 -9.07 -2.25
CA ASP A 249 -19.22 -7.72 -2.69
C ASP A 249 -19.01 -6.67 -1.60
N GLY A 250 -17.95 -6.82 -0.78
CA GLY A 250 -17.78 -5.83 0.32
C GLY A 250 -17.67 -4.38 -0.15
N ILE A 251 -16.98 -4.17 -1.28
CA ILE A 251 -16.84 -2.76 -1.74
C ILE A 251 -18.18 -2.20 -2.21
N SER A 252 -18.85 -2.92 -3.09
CA SER A 252 -20.14 -2.36 -3.56
C SER A 252 -21.10 -2.21 -2.41
N LYS A 253 -21.18 -3.21 -1.53
CA LYS A 253 -22.08 -3.08 -0.37
C LYS A 253 -21.78 -1.85 0.51
N ALA A 254 -20.51 -1.58 0.76
CA ALA A 254 -20.21 -0.43 1.59
C ALA A 254 -20.58 0.84 0.85
N MET A 255 -20.26 0.91 -0.44
CA MET A 255 -20.60 2.12 -1.13
C MET A 255 -22.10 2.38 -1.17
N LYS A 256 -22.89 1.31 -1.29
CA LYS A 256 -24.36 1.43 -1.30
C LYS A 256 -24.85 1.85 0.08
N HIS A 257 -24.27 1.22 1.10
CA HIS A 257 -24.64 1.54 2.46
C HIS A 257 -24.44 3.06 2.75
N PHE A 258 -23.35 3.65 2.25
CA PHE A 258 -23.16 5.08 2.48
C PHE A 258 -23.90 5.98 1.53
N GLY A 259 -24.57 5.39 0.54
CA GLY A 259 -25.34 6.22 -0.39
C GLY A 259 -24.48 6.92 -1.44
N ILE A 260 -23.31 6.38 -1.72
CA ILE A 260 -22.40 6.96 -2.71
C ILE A 260 -22.89 6.59 -4.09
N ILE A 261 -23.48 5.40 -4.22
CA ILE A 261 -24.05 4.91 -5.44
C ILE A 261 -25.32 4.25 -5.00
#